data_6EBW
#
_entry.id   6EBW
#
_cell.length_a   51.790
_cell.length_b   57.336
_cell.length_c   103.588
_cell.angle_alpha   90.00
_cell.angle_beta   90.00
_cell.angle_gamma   90.00
#
_symmetry.space_group_name_H-M   'P 21 21 21'
#
loop_
_entity.id
_entity.type
_entity.pdbx_description
1 polymer 'ALK tyrosine kinase receptor'
2 non-polymer [6-{[(1S)-1-(5-fluoropyridin-2-yl)ethyl]amino}-1-(5-methyl-1H-pyrazol-3-yl)-1H-pyrrolo[2,3-b]pyridin-3-yl](morpholin-4-yl)methanone
3 water water
#
_entity_poly.entity_id   1
_entity_poly.type   'polypeptide(L)'
_entity_poly.pdbx_seq_one_letter_code
;GAMGSTDYNPNYCFAGKTSSISDLKEVPRKNITLIRGLGHGAFGEVYEGQVSGMPNDPSPLQVAVKTLPEVCSEQDELDF
LMEALIISKFNHQNIVRCIGVSLQSLPRFILLELMAGGDLKSFLRETRPRPSQPSSLAMLDLLHVARDIACGCQYLEENH
FIHRDIAARNCLLTCPGPGRVAKIGDFGMARDIYRASYYRKGGCAMLPVKWMPPEAFMEGIFTSKTDTWSFGVLLWEIFS
LGYMPYPSKSNQEVLEFVTSGGRMDPPKNCPGPVYRIMTQCWQHQPEDRPNFAIILERIEYCTQDPDVINTALPIEYGPL
VE
;
_entity_poly.pdbx_strand_id   A
#
loop_
_chem_comp.id
_chem_comp.type
_chem_comp.name
_chem_comp.formula
J3Y non-polymer [6-{[(1S)-1-(5-fluoropyridin-2-yl)ethyl]amino}-1-(5-methyl-1H-pyrazol-3-yl)-1H-pyrrolo[2,3-b]pyridin-3-yl](morpholin-4-yl)methanone 'C23 H24 F N7 O2'
#
# COMPACT_ATOMS: atom_id res chain seq x y z
N TYR A 12 -17.45 5.03 12.33
CA TYR A 12 -16.29 5.65 11.73
C TYR A 12 -16.54 7.12 11.40
N CYS A 13 -15.52 7.94 11.58
CA CYS A 13 -15.62 9.36 11.27
C CYS A 13 -14.28 9.86 10.78
N PHE A 14 -14.32 10.82 9.86
CA PHE A 14 -13.11 11.32 9.20
C PHE A 14 -13.09 12.84 9.17
N THR A 18 -19.22 11.06 12.21
CA THR A 18 -19.31 11.97 11.08
C THR A 18 -19.89 11.25 9.86
N SER A 19 -19.68 9.95 9.79
CA SER A 19 -20.14 9.15 8.66
C SER A 19 -20.78 7.87 9.18
N SER A 20 -21.88 7.49 8.54
CA SER A 20 -22.54 6.22 8.82
C SER A 20 -22.77 5.48 7.51
N ILE A 21 -23.14 4.20 7.62
CA ILE A 21 -23.51 3.41 6.46
C ILE A 21 -24.61 4.11 5.66
N SER A 22 -25.39 4.97 6.32
CA SER A 22 -26.24 5.97 5.65
C SER A 22 -25.64 6.52 4.36
N ASP A 23 -24.36 6.89 4.40
CA ASP A 23 -23.82 7.81 3.42
C ASP A 23 -23.22 7.13 2.19
N LEU A 24 -23.07 5.81 2.22
CA LEU A 24 -22.49 5.11 1.09
C LEU A 24 -23.44 5.13 -0.10
N LYS A 25 -22.89 4.87 -1.28
CA LYS A 25 -23.66 4.78 -2.52
C LYS A 25 -24.08 3.33 -2.70
N GLU A 26 -25.34 3.03 -2.37
CA GLU A 26 -25.86 1.68 -2.57
C GLU A 26 -26.24 1.50 -4.03
N VAL A 27 -25.43 0.74 -4.75
CA VAL A 27 -25.66 0.45 -6.16
C VAL A 27 -26.39 -0.89 -6.26
N PRO A 28 -27.51 -0.96 -6.98
CA PRO A 28 -28.29 -2.20 -7.00
C PRO A 28 -27.53 -3.34 -7.65
N ARG A 29 -27.76 -4.55 -7.14
CA ARG A 29 -27.09 -5.74 -7.65
C ARG A 29 -27.45 -6.03 -9.10
N LYS A 30 -28.59 -5.52 -9.57
CA LYS A 30 -29.01 -5.78 -10.95
C LYS A 30 -28.00 -5.24 -11.95
N ASN A 31 -27.37 -4.10 -11.64
CA ASN A 31 -26.41 -3.47 -12.54
C ASN A 31 -24.99 -3.93 -12.29
N ILE A 32 -24.79 -5.08 -11.64
CA ILE A 32 -23.47 -5.58 -11.30
C ILE A 32 -23.36 -7.02 -11.78
N THR A 33 -22.21 -7.36 -12.37
CA THR A 33 -21.83 -8.72 -12.69
C THR A 33 -20.30 -8.77 -12.67
N LEU A 34 -19.76 -9.98 -12.49
CA LEU A 34 -18.32 -10.14 -12.31
C LEU A 34 -17.71 -10.96 -13.44
N ILE A 35 -16.86 -10.28 -14.21
CA ILE A 35 -16.26 -10.85 -15.41
C ILE A 35 -15.30 -11.98 -15.03
N ARG A 36 -14.28 -11.66 -14.25
CA ARG A 36 -13.19 -12.59 -13.96
C ARG A 36 -12.72 -12.41 -12.53
N GLY A 37 -12.02 -13.41 -12.02
CA GLY A 37 -11.41 -13.33 -10.71
C GLY A 37 -10.05 -12.65 -10.77
N LEU A 38 -9.75 -11.93 -9.69
CA LEU A 38 -8.49 -11.18 -9.60
C LEU A 38 -7.59 -11.73 -8.50
N GLY A 39 -8.05 -11.74 -7.25
CA GLY A 39 -7.25 -12.23 -6.15
C GLY A 39 -8.11 -12.52 -4.94
N HIS A 40 -7.45 -12.90 -3.86
CA HIS A 40 -8.13 -13.22 -2.61
C HIS A 40 -7.61 -12.37 -1.46
N PHE A 43 -8.45 -11.19 2.77
CA PHE A 43 -9.28 -12.36 3.04
C PHE A 43 -10.63 -12.22 2.33
N GLY A 44 -11.00 -13.26 1.61
CA GLY A 44 -12.18 -13.16 0.75
C GLY A 44 -11.81 -12.81 -0.67
N GLU A 45 -12.57 -13.36 -1.61
CA GLU A 45 -12.23 -13.22 -3.01
C GLU A 45 -12.49 -11.79 -3.50
N VAL A 46 -11.78 -11.45 -4.58
CA VAL A 46 -11.88 -10.13 -5.21
C VAL A 46 -11.90 -10.33 -6.72
N TYR A 47 -12.87 -9.73 -7.39
CA TYR A 47 -13.06 -9.94 -8.83
C TYR A 47 -13.07 -8.61 -9.57
N GLU A 48 -12.97 -8.71 -10.89
CA GLU A 48 -13.18 -7.59 -11.80
C GLU A 48 -14.61 -7.65 -12.32
N GLY A 49 -15.26 -6.49 -12.42
CA GLY A 49 -16.67 -6.45 -12.75
C GLY A 49 -17.04 -5.26 -13.61
N GLN A 50 -18.34 -5.15 -13.86
CA GLN A 50 -18.93 -4.08 -14.65
C GLN A 50 -20.21 -3.63 -13.97
N VAL A 51 -20.63 -2.42 -14.32
CA VAL A 51 -21.67 -1.68 -13.63
C VAL A 51 -22.39 -0.79 -14.64
N SER A 52 -23.60 -0.35 -14.27
CA SER A 52 -24.54 0.40 -15.11
C SER A 52 -25.37 -0.55 -15.95
N SER A 59 -23.48 3.38 -20.48
CA SER A 59 -22.32 2.65 -21.00
C SER A 59 -21.54 2.01 -19.86
N PRO A 60 -20.94 0.84 -20.13
CA PRO A 60 -20.30 0.08 -19.05
C PRO A 60 -19.20 0.84 -18.33
N LEU A 61 -19.10 0.61 -17.02
CA LEU A 61 -18.07 1.15 -16.13
C LEU A 61 -17.29 -0.04 -15.59
N GLN A 62 -15.96 -0.01 -15.68
CA GLN A 62 -15.13 -1.13 -15.27
C GLN A 62 -14.64 -0.89 -13.84
N VAL A 63 -14.90 -1.85 -12.96
CA VAL A 63 -14.64 -1.71 -11.53
C VAL A 63 -13.97 -2.99 -11.01
N ALA A 64 -13.49 -2.89 -9.77
CA ALA A 64 -13.02 -4.04 -9.00
C ALA A 64 -13.99 -4.27 -7.85
N VAL A 65 -14.34 -5.53 -7.62
CA VAL A 65 -15.40 -5.89 -6.67
C VAL A 65 -14.80 -6.74 -5.57
N LYS A 66 -14.76 -6.19 -4.36
CA LYS A 66 -14.39 -6.95 -3.18
C LYS A 66 -15.62 -7.59 -2.57
N THR A 67 -15.49 -8.86 -2.18
CA THR A 67 -16.63 -9.67 -1.79
C THR A 67 -16.50 -10.11 -0.33
N LEU A 68 -17.62 -10.09 0.39
CA LEU A 68 -17.72 -10.76 1.68
C LEU A 68 -18.35 -12.13 1.44
N PRO A 69 -17.62 -13.22 1.69
CA PRO A 69 -18.23 -14.55 1.49
C PRO A 69 -19.45 -14.73 2.37
N GLU A 70 -20.53 -15.23 1.75
CA GLU A 70 -21.80 -15.36 2.47
C GLU A 70 -21.66 -16.27 3.68
N VAL A 71 -20.75 -17.24 3.63
CA VAL A 71 -20.38 -18.02 4.80
C VAL A 71 -19.45 -17.14 5.64
N CYS A 72 -20.00 -16.50 6.66
CA CYS A 72 -19.23 -15.56 7.47
C CYS A 72 -19.87 -15.47 8.84
N SER A 73 -19.20 -14.79 9.75
CA SER A 73 -19.66 -14.58 11.11
C SER A 73 -20.18 -13.16 11.26
N GLU A 74 -20.43 -12.75 12.51
CA GLU A 74 -20.92 -11.40 12.76
C GLU A 74 -19.79 -10.37 12.68
N GLN A 75 -18.65 -10.68 13.28
CA GLN A 75 -17.51 -9.76 13.22
C GLN A 75 -17.02 -9.58 11.79
N ASP A 76 -17.18 -10.60 10.94
CA ASP A 76 -16.84 -10.47 9.54
C ASP A 76 -17.69 -9.40 8.86
N GLU A 77 -18.96 -9.31 9.26
CA GLU A 77 -19.86 -8.32 8.68
C GLU A 77 -19.43 -6.90 9.04
N LEU A 78 -19.29 -6.62 10.33
CA LEU A 78 -18.84 -5.30 10.72
C LEU A 78 -17.37 -5.05 10.43
N ASP A 79 -16.62 -6.08 10.01
CA ASP A 79 -15.32 -5.83 9.41
C ASP A 79 -15.46 -5.38 7.97
N PHE A 80 -16.36 -6.02 7.23
CA PHE A 80 -16.52 -5.74 5.80
C PHE A 80 -17.03 -4.31 5.57
N LEU A 81 -18.10 -3.92 6.28
CA LEU A 81 -18.63 -2.56 6.08
C LEU A 81 -17.65 -1.52 6.59
N MET A 82 -16.98 -1.82 7.70
CA MET A 82 -15.98 -0.94 8.31
C MET A 82 -15.09 -0.43 7.20
N GLU A 83 -14.55 -1.39 6.46
CA GLU A 83 -13.72 -1.10 5.30
C GLU A 83 -14.45 -0.20 4.30
N ALA A 84 -15.76 -0.40 4.13
CA ALA A 84 -16.48 0.36 3.10
C ALA A 84 -16.58 1.84 3.47
N LEU A 85 -16.91 2.14 4.72
CA LEU A 85 -17.05 3.55 5.13
C LEU A 85 -15.70 4.25 5.16
N ILE A 86 -14.64 3.54 5.55
CA ILE A 86 -13.31 4.13 5.61
C ILE A 86 -12.84 4.53 4.22
N ILE A 87 -12.91 3.60 3.26
CA ILE A 87 -12.45 3.88 1.91
CA ILE A 87 -12.46 3.87 1.91
C ILE A 87 -13.34 4.93 1.25
N SER A 88 -14.64 4.95 1.58
CA SER A 88 -15.54 5.91 0.97
C SER A 88 -15.31 7.33 1.50
N LYS A 89 -14.74 7.47 2.70
CA LYS A 89 -14.49 8.79 3.26
C LYS A 89 -13.21 9.43 2.75
N PHE A 90 -12.36 8.68 2.06
CA PHE A 90 -11.13 9.23 1.51
C PHE A 90 -11.40 10.00 0.23
N ASN A 91 -10.59 11.02 -0.02
CA ASN A 91 -10.63 11.78 -1.27
C ASN A 91 -9.20 12.20 -1.59
N HIS A 92 -8.48 11.34 -2.29
CA HIS A 92 -7.10 11.60 -2.64
C HIS A 92 -6.74 10.83 -3.89
N GLN A 93 -5.89 11.44 -4.74
CA GLN A 93 -5.54 10.84 -6.01
C GLN A 93 -4.62 9.64 -5.86
N ASN A 94 -3.97 9.47 -4.72
CA ASN A 94 -3.10 8.32 -4.47
C ASN A 94 -3.75 7.29 -3.55
N ILE A 95 -5.08 7.28 -3.48
CA ILE A 95 -5.83 6.33 -2.67
C ILE A 95 -6.97 5.79 -3.51
N VAL A 96 -7.14 4.47 -3.53
CA VAL A 96 -8.13 3.83 -4.39
C VAL A 96 -9.51 4.41 -4.13
N ARG A 97 -10.19 4.80 -5.21
CA ARG A 97 -11.52 5.36 -5.11
C ARG A 97 -12.55 4.28 -4.86
N CYS A 98 -13.61 4.64 -4.12
CA CYS A 98 -14.73 3.75 -3.88
C CYS A 98 -15.88 4.20 -4.78
N ILE A 99 -16.18 3.38 -5.78
CA ILE A 99 -17.20 3.75 -6.75
C ILE A 99 -18.59 3.57 -6.16
N GLY A 100 -18.84 2.43 -5.52
CA GLY A 100 -20.15 2.15 -4.99
C GLY A 100 -20.09 1.04 -3.97
N VAL A 101 -21.27 0.51 -3.64
CA VAL A 101 -21.43 -0.42 -2.53
C VAL A 101 -22.73 -1.19 -2.77
N SER A 102 -22.71 -2.50 -2.43
CA SER A 102 -23.87 -3.38 -2.62
C SER A 102 -24.02 -4.29 -1.40
N LEU A 103 -24.62 -3.74 -0.34
CA LEU A 103 -24.77 -4.45 0.93
C LEU A 103 -26.12 -5.13 1.09
N GLN A 104 -27.15 -4.64 0.41
CA GLN A 104 -28.49 -5.18 0.58
C GLN A 104 -28.70 -6.47 -0.18
N SER A 105 -27.73 -6.90 -0.99
CA SER A 105 -27.78 -8.16 -1.71
C SER A 105 -26.63 -9.04 -1.26
N LEU A 106 -26.94 -10.31 -0.93
CA LEU A 106 -25.90 -11.26 -0.53
C LEU A 106 -25.30 -11.90 -1.77
N PRO A 107 -23.97 -12.01 -1.86
CA PRO A 107 -22.98 -11.53 -0.89
C PRO A 107 -22.77 -10.03 -1.02
N ARG A 108 -22.42 -9.37 0.08
CA ARG A 108 -22.28 -7.91 0.05
C ARG A 108 -20.99 -7.51 -0.68
N PHE A 109 -21.10 -6.47 -1.50
CA PHE A 109 -20.02 -6.02 -2.37
C PHE A 109 -19.46 -4.69 -1.89
N ILE A 110 -18.21 -4.44 -2.27
CA ILE A 110 -17.60 -3.12 -2.19
C ILE A 110 -17.05 -2.82 -3.59
N LEU A 111 -17.55 -1.76 -4.21
CA LEU A 111 -17.12 -1.38 -5.55
C LEU A 111 -15.93 -0.44 -5.45
N LEU A 112 -14.85 -0.77 -6.16
CA LEU A 112 -13.59 -0.06 -6.01
C LEU A 112 -12.98 0.24 -7.37
N GLU A 113 -12.13 1.27 -7.38
CA GLU A 113 -11.46 1.72 -8.58
C GLU A 113 -10.59 0.61 -9.17
N LEU A 114 -10.80 0.31 -10.45
CA LEU A 114 -10.03 -0.71 -11.15
C LEU A 114 -8.75 -0.11 -11.71
N MET A 115 -7.60 -0.70 -11.35
CA MET A 115 -6.30 -0.19 -11.75
C MET A 115 -5.58 -1.26 -12.55
N ALA A 116 -5.46 -1.02 -13.87
CA ALA A 116 -4.98 -2.05 -14.80
C ALA A 116 -3.53 -2.45 -14.54
N GLY A 117 -2.77 -1.65 -13.81
CA GLY A 117 -1.37 -1.99 -13.56
C GLY A 117 -1.15 -3.13 -12.60
N GLY A 118 -2.21 -3.58 -11.91
CA GLY A 118 -2.07 -4.65 -10.95
C GLY A 118 -1.42 -4.19 -9.65
N ASP A 119 -1.14 -5.17 -8.80
CA ASP A 119 -0.52 -4.86 -7.52
C ASP A 119 0.97 -4.57 -7.71
N LEU A 120 1.55 -3.90 -6.71
CA LEU A 120 2.91 -3.38 -6.85
C LEU A 120 3.96 -4.48 -6.75
N LYS A 121 3.80 -5.42 -5.82
CA LYS A 121 4.80 -6.47 -5.65
C LYS A 121 4.91 -7.33 -6.90
N SER A 122 3.78 -7.68 -7.52
CA SER A 122 3.83 -8.44 -8.76
C SER A 122 4.44 -7.61 -9.89
N PHE A 123 4.09 -6.33 -9.96
CA PHE A 123 4.56 -5.49 -11.06
C PHE A 123 6.08 -5.40 -11.08
N LEU A 124 6.71 -5.19 -9.92
CA LEU A 124 8.16 -5.02 -9.89
C LEU A 124 8.88 -6.34 -10.17
N ARG A 125 8.34 -7.46 -9.69
CA ARG A 125 8.97 -8.74 -9.96
C ARG A 125 8.79 -9.19 -11.41
N GLU A 126 7.72 -8.73 -12.07
CA GLU A 126 7.47 -9.10 -13.45
C GLU A 126 8.11 -8.15 -14.45
N THR A 127 8.23 -6.87 -14.09
CA THR A 127 8.95 -5.89 -14.91
C THR A 127 10.42 -5.79 -14.51
N ARG A 128 10.90 -6.72 -13.70
CA ARG A 128 12.33 -6.80 -13.40
C ARG A 128 13.12 -6.88 -14.71
N PRO A 129 14.12 -6.03 -14.92
CA PRO A 129 14.84 -6.04 -16.19
C PRO A 129 15.49 -7.39 -16.48
N ARG A 130 15.46 -7.78 -17.75
CA ARG A 130 16.01 -9.03 -18.23
C ARG A 130 16.13 -8.98 -19.76
N PRO A 131 17.21 -9.54 -20.34
CA PRO A 131 17.46 -9.47 -21.79
C PRO A 131 16.31 -9.99 -22.63
N PRO A 134 13.43 -5.74 -21.05
CA PRO A 134 14.85 -5.45 -21.32
C PRO A 134 15.29 -4.15 -20.64
N SER A 135 14.93 -3.02 -21.23
CA SER A 135 15.12 -1.71 -20.61
C SER A 135 13.84 -1.26 -19.94
N SER A 136 13.25 -2.16 -19.17
CA SER A 136 11.90 -2.01 -18.61
C SER A 136 11.75 -0.74 -17.79
N LEU A 137 12.40 -0.67 -16.65
CA LEU A 137 12.24 0.43 -15.71
C LEU A 137 13.59 1.08 -15.46
N ALA A 138 13.59 2.41 -15.37
CA ALA A 138 14.73 3.14 -14.84
C ALA A 138 14.45 3.54 -13.39
N MET A 139 15.46 4.07 -12.72
CA MET A 139 15.29 4.42 -11.31
C MET A 139 14.36 5.59 -11.11
N LEU A 140 14.20 6.47 -12.11
CA LEU A 140 13.25 7.57 -12.00
C LEU A 140 11.82 7.06 -11.87
N ASP A 141 11.52 5.91 -12.48
CA ASP A 141 10.17 5.36 -12.41
C ASP A 141 9.84 4.90 -11.01
N LEU A 142 10.81 4.29 -10.32
CA LEU A 142 10.57 3.80 -8.97
C LEU A 142 10.49 4.93 -7.96
N LEU A 143 11.25 6.01 -8.17
CA LEU A 143 11.12 7.17 -7.31
C LEU A 143 9.73 7.79 -7.43
N HIS A 144 9.12 7.71 -8.61
CA HIS A 144 7.76 8.21 -8.78
C HIS A 144 6.76 7.34 -8.03
N VAL A 145 6.94 6.02 -8.07
CA VAL A 145 6.05 5.11 -7.35
C VAL A 145 6.15 5.35 -5.84
N ALA A 146 7.37 5.54 -5.35
CA ALA A 146 7.56 5.78 -3.92
C ALA A 146 6.94 7.11 -3.49
N ARG A 147 7.09 8.15 -4.31
CA ARG A 147 6.50 9.44 -3.97
C ARG A 147 4.98 9.39 -4.05
N ASP A 148 4.44 8.64 -5.01
CA ASP A 148 3.00 8.45 -5.09
C ASP A 148 2.45 7.88 -3.79
N ILE A 149 3.12 6.85 -3.25
CA ILE A 149 2.66 6.27 -1.99
C ILE A 149 2.94 7.21 -0.83
N ALA A 150 4.09 7.90 -0.86
CA ALA A 150 4.41 8.84 0.21
C ALA A 150 3.42 9.99 0.26
N CYS A 151 2.92 10.44 -0.90
CA CYS A 151 1.94 11.51 -0.91
C CYS A 151 0.59 11.03 -0.37
N GLY A 152 0.22 9.79 -0.69
CA GLY A 152 -0.97 9.20 -0.10
C GLY A 152 -0.85 9.02 1.39
N CYS A 153 0.32 8.61 1.87
CA CYS A 153 0.54 8.47 3.31
C CYS A 153 0.52 9.83 4.00
N GLN A 154 1.01 10.87 3.33
CA GLN A 154 0.91 12.22 3.88
C GLN A 154 -0.53 12.64 4.07
N TYR A 155 -1.41 12.25 3.16
CA TYR A 155 -2.83 12.53 3.29
C TYR A 155 -3.43 11.81 4.50
N LEU A 156 -3.01 10.56 4.73
CA LEU A 156 -3.52 9.82 5.88
C LEU A 156 -3.05 10.43 7.19
N GLU A 157 -1.75 10.77 7.27
CA GLU A 157 -1.22 11.35 8.49
C GLU A 157 -1.84 12.71 8.79
N GLU A 158 -2.04 13.53 7.76
CA GLU A 158 -2.63 14.84 7.96
C GLU A 158 -4.05 14.74 8.50
N ASN A 159 -4.79 13.72 8.06
CA ASN A 159 -6.13 13.45 8.57
C ASN A 159 -6.12 12.45 9.72
N HIS A 160 -4.96 12.19 10.31
CA HIS A 160 -4.83 11.41 11.55
C HIS A 160 -5.33 9.98 11.37
N PHE A 161 -5.01 9.38 10.24
CA PHE A 161 -5.33 7.97 9.97
C PHE A 161 -4.04 7.17 9.92
N ILE A 162 -4.02 6.05 10.63
CA ILE A 162 -2.87 5.15 10.69
C ILE A 162 -3.22 3.87 9.93
N HIS A 163 -2.37 3.51 8.97
CA HIS A 163 -2.70 2.42 8.05
C HIS A 163 -2.36 1.05 8.64
N ARG A 164 -1.18 0.92 9.26
CA ARG A 164 -0.70 -0.28 9.95
C ARG A 164 -0.28 -1.41 9.01
N ASP A 165 -0.33 -1.21 7.70
CA ASP A 165 0.05 -2.28 6.77
C ASP A 165 0.56 -1.71 5.46
N ILE A 166 1.39 -0.66 5.54
CA ILE A 166 2.00 -0.09 4.35
C ILE A 166 2.99 -1.09 3.78
N ALA A 167 2.59 -1.81 2.72
CA ALA A 167 3.43 -2.81 2.08
C ALA A 167 3.19 -2.78 0.59
N ALA A 168 4.09 -3.44 -0.15
CA ALA A 168 3.96 -3.48 -1.61
C ALA A 168 2.75 -4.29 -2.05
N ARG A 169 2.37 -5.31 -1.27
CA ARG A 169 1.22 -6.13 -1.62
C ARG A 169 -0.09 -5.36 -1.58
N ASN A 170 -0.15 -4.25 -0.83
CA ASN A 170 -1.36 -3.46 -0.68
C ASN A 170 -1.34 -2.21 -1.54
N CYS A 171 -0.46 -2.14 -2.53
CA CYS A 171 -0.38 -1.00 -3.44
C CYS A 171 -0.76 -1.44 -4.85
N LEU A 172 -1.39 -0.52 -5.58
CA LEU A 172 -1.86 -0.81 -6.93
C LEU A 172 -1.40 0.31 -7.87
N LEU A 173 -1.43 0.02 -9.16
CA LEU A 173 -0.99 0.95 -10.20
C LEU A 173 -2.09 1.10 -11.25
N THR A 174 -2.31 2.34 -11.71
CA THR A 174 -3.33 2.59 -12.72
C THR A 174 -3.06 1.82 -14.01
N CYS A 175 -1.82 1.83 -14.47
CA CYS A 175 -1.46 1.27 -15.77
C CYS A 175 -0.02 0.80 -15.70
N PRO A 176 0.43 0.01 -16.68
CA PRO A 176 1.81 -0.50 -16.64
C PRO A 176 2.84 0.39 -17.34
N GLY A 177 2.39 1.22 -18.28
CA GLY A 177 3.31 2.06 -19.02
C GLY A 177 3.79 3.24 -18.22
N PRO A 178 4.60 4.09 -18.86
CA PRO A 178 4.99 5.35 -18.23
C PRO A 178 3.79 6.24 -18.02
N GLY A 179 3.83 7.02 -16.95
CA GLY A 179 2.64 7.73 -16.50
C GLY A 179 1.79 6.95 -15.52
N ARG A 180 2.25 5.79 -15.08
CA ARG A 180 1.56 5.03 -14.05
C ARG A 180 1.48 5.84 -12.76
N VAL A 181 0.42 5.61 -12.00
CA VAL A 181 0.24 6.25 -10.70
C VAL A 181 0.00 5.15 -9.67
N ALA A 182 0.80 5.16 -8.61
CA ALA A 182 0.65 4.19 -7.53
C ALA A 182 -0.34 4.71 -6.50
N LYS A 183 -1.17 3.81 -5.98
CA LYS A 183 -2.18 4.15 -4.99
C LYS A 183 -2.28 3.06 -3.95
N ILE A 184 -2.47 3.45 -2.69
CA ILE A 184 -2.78 2.49 -1.64
C ILE A 184 -4.15 1.90 -1.90
N GLY A 185 -4.24 0.57 -1.92
CA GLY A 185 -5.45 -0.07 -2.39
C GLY A 185 -6.12 -1.04 -1.45
N ASP A 186 -5.73 -1.04 -0.17
CA ASP A 186 -6.33 -1.97 0.78
C ASP A 186 -6.14 -1.45 2.20
N PHE A 187 -7.13 -1.74 3.05
CA PHE A 187 -7.11 -1.34 4.45
C PHE A 187 -7.54 -2.51 5.32
N GLY A 188 -6.91 -3.67 5.10
CA GLY A 188 -7.31 -4.86 5.84
C GLY A 188 -6.83 -4.84 7.28
N MET A 189 -5.55 -4.52 7.49
CA MET A 189 -5.00 -4.46 8.84
C MET A 189 -5.54 -3.29 9.65
N ALA A 190 -6.03 -2.25 8.98
CA ALA A 190 -6.56 -1.08 9.67
C ALA A 190 -7.97 -1.32 10.17
N ARG A 191 -8.29 -2.57 10.52
CA ARG A 191 -9.62 -2.92 11.03
C ARG A 191 -9.91 -2.12 12.29
N ASP A 192 -9.05 -2.28 13.29
CA ASP A 192 -9.20 -1.60 14.57
C ASP A 192 -7.91 -1.71 15.38
N LEU A 207 0.79 -11.30 12.10
CA LEU A 207 0.94 -9.87 11.87
C LEU A 207 2.18 -9.58 11.04
N PRO A 208 2.14 -8.51 10.23
CA PRO A 208 3.27 -8.20 9.34
C PRO A 208 4.51 -7.76 10.11
N VAL A 209 5.19 -8.72 10.74
CA VAL A 209 6.32 -8.41 11.61
C VAL A 209 7.41 -7.66 10.83
N LYS A 210 7.70 -8.11 9.60
CA LYS A 210 8.79 -7.54 8.83
C LYS A 210 8.56 -6.08 8.45
N TRP A 211 7.34 -5.56 8.60
CA TRP A 211 7.02 -4.19 8.21
C TRP A 211 6.79 -3.26 9.41
N MET A 212 6.95 -3.74 10.63
CA MET A 212 6.51 -2.93 11.76
C MET A 212 7.67 -2.55 12.68
N PRO A 213 7.64 -1.35 13.25
CA PRO A 213 8.73 -0.91 14.12
C PRO A 213 8.70 -1.64 15.45
N PRO A 214 9.76 -1.51 16.27
CA PRO A 214 9.78 -2.24 17.55
C PRO A 214 8.63 -1.90 18.47
N GLU A 215 8.34 -0.61 18.66
CA GLU A 215 7.24 -0.21 19.53
C GLU A 215 5.88 -0.70 19.03
N ALA A 216 5.82 -1.25 17.82
CA ALA A 216 4.58 -1.82 17.30
C ALA A 216 4.44 -3.29 17.69
N PHE A 217 5.40 -4.14 17.31
CA PHE A 217 5.27 -5.56 17.58
C PHE A 217 5.57 -5.94 19.02
N MET A 218 6.25 -5.07 19.77
CA MET A 218 6.55 -5.37 21.17
C MET A 218 5.62 -4.65 22.15
N GLU A 219 5.17 -3.45 21.81
CA GLU A 219 4.35 -2.66 22.72
C GLU A 219 2.92 -2.47 22.26
N GLY A 220 2.61 -2.76 21.01
CA GLY A 220 1.26 -2.52 20.52
C GLY A 220 0.92 -1.06 20.32
N ILE A 221 1.93 -0.21 20.16
CA ILE A 221 1.73 1.22 19.95
C ILE A 221 1.71 1.50 18.46
N PHE A 222 0.80 2.37 18.03
CA PHE A 222 0.65 2.71 16.62
C PHE A 222 0.42 4.21 16.50
N THR A 223 1.35 4.90 15.85
CA THR A 223 1.22 6.32 15.55
C THR A 223 1.45 6.54 14.06
N SER A 224 1.50 7.80 13.64
CA SER A 224 1.87 8.10 12.26
C SER A 224 3.32 7.72 11.97
N LYS A 225 4.15 7.62 13.00
CA LYS A 225 5.53 7.18 12.83
C LYS A 225 5.64 5.67 12.64
N THR A 226 4.60 4.92 12.99
CA THR A 226 4.57 3.50 12.65
C THR A 226 4.48 3.32 11.14
N ASP A 227 3.68 4.15 10.47
CA ASP A 227 3.61 4.10 9.01
C ASP A 227 4.91 4.58 8.38
N THR A 228 5.63 5.49 9.05
CA THR A 228 6.91 5.94 8.53
C THR A 228 7.91 4.80 8.46
N TRP A 229 7.94 3.95 9.50
CA TRP A 229 8.79 2.77 9.48
C TRP A 229 8.40 1.84 8.34
N SER A 230 7.10 1.58 8.19
CA SER A 230 6.64 0.65 7.17
C SER A 230 6.96 1.16 5.77
N PHE A 231 6.81 2.47 5.55
CA PHE A 231 7.16 3.03 4.26
C PHE A 231 8.65 2.83 3.96
N GLY A 232 9.50 2.91 4.99
CA GLY A 232 10.91 2.61 4.79
C GLY A 232 11.13 1.18 4.34
N VAL A 233 10.38 0.24 4.90
CA VAL A 233 10.43 -1.14 4.42
C VAL A 233 9.85 -1.22 3.02
N LEU A 234 8.84 -0.41 2.71
CA LEU A 234 8.29 -0.40 1.36
C LEU A 234 9.30 0.16 0.36
N LEU A 235 10.02 1.22 0.74
CA LEU A 235 11.11 1.73 -0.09
C LEU A 235 12.09 0.62 -0.45
N TRP A 236 12.41 -0.24 0.52
CA TRP A 236 13.31 -1.36 0.24
C TRP A 236 12.68 -2.35 -0.74
N GLU A 237 11.38 -2.59 -0.61
CA GLU A 237 10.70 -3.47 -1.56
C GLU A 237 10.74 -2.92 -2.96
N ILE A 238 10.56 -1.59 -3.10
CA ILE A 238 10.54 -0.97 -4.41
C ILE A 238 11.92 -1.08 -5.07
N PHE A 239 12.96 -0.68 -4.36
CA PHE A 239 14.29 -0.60 -4.95
C PHE A 239 15.01 -1.95 -5.00
N SER A 240 14.49 -2.97 -4.32
CA SER A 240 14.93 -4.35 -4.54
C SER A 240 14.10 -5.03 -5.63
N LEU A 241 13.10 -4.33 -6.17
CA LEU A 241 12.26 -4.84 -7.26
C LEU A 241 11.49 -6.10 -6.86
N GLY A 242 10.85 -6.02 -5.69
CA GLY A 242 9.90 -7.04 -5.28
C GLY A 242 10.46 -8.14 -4.40
N TYR A 243 11.67 -8.01 -3.87
CA TYR A 243 12.21 -9.03 -3.00
C TYR A 243 11.47 -9.03 -1.66
N MET A 244 11.48 -10.17 -1.00
CA MET A 244 10.90 -10.28 0.33
C MET A 244 11.84 -9.69 1.35
N PRO A 245 11.43 -8.68 2.13
CA PRO A 245 12.36 -8.04 3.08
C PRO A 245 12.86 -9.02 4.13
N TYR A 246 14.09 -8.77 4.60
CA TYR A 246 14.81 -9.71 5.45
C TYR A 246 14.77 -11.08 4.79
N PRO A 247 15.45 -11.26 3.65
CA PRO A 247 15.20 -12.41 2.77
C PRO A 247 15.12 -13.77 3.46
N SER A 248 16.21 -14.21 4.10
CA SER A 248 16.28 -15.53 4.69
C SER A 248 16.03 -15.51 6.19
N LYS A 249 15.29 -14.51 6.68
CA LYS A 249 14.96 -14.40 8.10
C LYS A 249 13.48 -14.69 8.31
N SER A 250 13.18 -15.49 9.32
CA SER A 250 11.80 -15.72 9.73
C SER A 250 11.35 -14.58 10.63
N ASN A 251 10.14 -14.67 11.19
CA ASN A 251 9.56 -13.54 11.90
C ASN A 251 10.34 -13.20 13.17
N GLN A 252 10.54 -14.20 14.04
CA GLN A 252 11.23 -13.92 15.31
C GLN A 252 12.69 -13.53 15.08
N GLU A 253 13.31 -14.06 14.02
CA GLU A 253 14.65 -13.61 13.67
C GLU A 253 14.66 -12.10 13.40
N VAL A 254 13.67 -11.62 12.64
CA VAL A 254 13.54 -10.19 12.39
C VAL A 254 13.26 -9.44 13.68
N LEU A 255 12.43 -10.01 14.55
CA LEU A 255 12.13 -9.38 15.83
C LEU A 255 13.40 -9.11 16.62
N GLU A 256 14.22 -10.15 16.83
CA GLU A 256 15.44 -9.98 17.61
C GLU A 256 16.49 -9.20 16.84
N PHE A 257 16.49 -9.30 15.51
CA PHE A 257 17.47 -8.55 14.71
C PHE A 257 17.15 -7.06 14.74
N VAL A 258 15.88 -6.70 14.57
CA VAL A 258 15.51 -5.28 14.54
C VAL A 258 15.62 -4.66 15.92
N THR A 259 15.18 -5.39 16.96
CA THR A 259 15.24 -4.85 18.31
C THR A 259 16.68 -4.61 18.76
N SER A 260 17.60 -5.51 18.40
CA SER A 260 18.99 -5.35 18.78
CA SER A 260 19.00 -5.36 18.78
C SER A 260 19.71 -4.28 17.96
N GLY A 261 19.01 -3.57 17.08
CA GLY A 261 19.59 -2.50 16.30
C GLY A 261 19.89 -2.82 14.85
N GLY A 262 19.68 -4.05 14.42
CA GLY A 262 20.02 -4.42 13.06
C GLY A 262 19.04 -3.87 12.04
N ARG A 263 19.58 -3.55 10.86
CA ARG A 263 18.78 -3.05 9.75
C ARG A 263 19.20 -3.77 8.48
N MET A 264 18.34 -3.71 7.47
CA MET A 264 18.62 -4.36 6.20
C MET A 264 19.73 -3.64 5.44
N ASP A 265 20.42 -4.38 4.58
CA ASP A 265 21.41 -3.81 3.70
C ASP A 265 20.73 -3.12 2.53
N PRO A 266 21.42 -2.22 1.84
CA PRO A 266 20.83 -1.57 0.66
C PRO A 266 20.50 -2.60 -0.40
N PRO A 267 19.41 -2.41 -1.14
CA PRO A 267 19.15 -3.26 -2.30
C PRO A 267 20.25 -3.10 -3.33
N LYS A 268 20.32 -4.07 -4.25
CA LYS A 268 21.36 -4.06 -5.26
C LYS A 268 21.28 -2.79 -6.11
N ASN A 269 22.40 -2.07 -6.19
CA ASN A 269 22.56 -0.85 -6.97
C ASN A 269 21.74 0.32 -6.43
N CYS A 270 21.29 0.26 -5.19
CA CYS A 270 20.52 1.35 -4.62
C CYS A 270 21.44 2.53 -4.31
N PRO A 271 21.05 3.75 -4.68
CA PRO A 271 21.93 4.90 -4.44
C PRO A 271 21.93 5.32 -2.98
N GLY A 272 22.90 6.17 -2.66
CA GLY A 272 23.09 6.67 -1.31
C GLY A 272 21.90 7.42 -0.75
N PRO A 273 21.52 8.53 -1.37
CA PRO A 273 20.41 9.33 -0.85
C PRO A 273 19.12 8.54 -0.66
N VAL A 274 18.87 7.52 -1.46
CA VAL A 274 17.66 6.72 -1.30
C VAL A 274 17.78 5.83 -0.06
N TYR A 275 18.92 5.16 0.10
CA TYR A 275 19.11 4.28 1.25
C TYR A 275 19.09 5.07 2.56
N ARG A 276 19.55 6.32 2.53
CA ARG A 276 19.51 7.15 3.73
C ARG A 276 18.08 7.49 4.12
N ILE A 277 17.14 7.48 3.17
CA ILE A 277 15.74 7.67 3.52
C ILE A 277 15.19 6.42 4.20
N MET A 278 15.61 5.24 3.73
CA MET A 278 15.20 4.00 4.39
C MET A 278 15.70 3.94 5.83
N THR A 279 16.97 4.27 6.05
CA THR A 279 17.53 4.18 7.39
C THR A 279 16.98 5.26 8.31
N GLN A 280 16.66 6.44 7.77
CA GLN A 280 16.04 7.46 8.59
C GLN A 280 14.61 7.08 8.97
N CYS A 281 13.94 6.30 8.12
CA CYS A 281 12.63 5.76 8.47
C CYS A 281 12.73 4.67 9.53
N TRP A 282 13.88 4.00 9.62
CA TRP A 282 14.07 2.88 10.54
C TRP A 282 14.75 3.30 11.84
N GLN A 283 14.65 4.57 12.21
CA GLN A 283 15.19 5.00 13.49
C GLN A 283 14.43 4.34 14.63
N HIS A 284 15.17 3.93 15.66
CA HIS A 284 14.56 3.17 16.75
C HIS A 284 13.48 3.97 17.46
N GLN A 285 13.80 5.18 17.89
CA GLN A 285 12.84 6.03 18.57
C GLN A 285 11.93 6.70 17.55
N PRO A 286 10.62 6.50 17.62
CA PRO A 286 9.73 7.16 16.64
C PRO A 286 9.80 8.67 16.67
N GLU A 287 10.32 9.26 17.76
CA GLU A 287 10.46 10.70 17.83
C GLU A 287 11.54 11.24 16.91
N ASP A 288 12.31 10.37 16.23
CA ASP A 288 13.36 10.80 15.33
C ASP A 288 13.14 10.39 13.89
N ARG A 289 12.14 9.55 13.61
CA ARG A 289 11.78 9.28 12.23
C ARG A 289 11.08 10.51 11.64
N PRO A 290 11.24 10.74 10.33
CA PRO A 290 10.63 11.92 9.72
C PRO A 290 9.15 11.72 9.43
N ASN A 291 8.44 12.83 9.36
CA ASN A 291 7.06 12.81 8.90
C ASN A 291 7.03 12.64 7.39
N PHE A 292 5.83 12.50 6.82
CA PHE A 292 5.73 12.27 5.39
C PHE A 292 5.91 13.54 4.57
N ALA A 293 5.88 14.72 5.19
CA ALA A 293 6.27 15.93 4.48
C ALA A 293 7.77 15.97 4.24
N ILE A 294 8.55 15.50 5.23
CA ILE A 294 10.00 15.49 5.07
C ILE A 294 10.43 14.40 4.10
N ILE A 295 9.77 13.23 4.17
CA ILE A 295 10.10 12.14 3.25
C ILE A 295 9.80 12.55 1.81
N LEU A 296 8.69 13.27 1.60
CA LEU A 296 8.36 13.74 0.26
C LEU A 296 9.42 14.70 -0.28
N GLU A 297 9.94 15.56 0.58
CA GLU A 297 10.99 16.49 0.15
C GLU A 297 12.27 15.74 -0.23
N ARG A 298 12.65 14.75 0.57
CA ARG A 298 13.87 14.00 0.29
C ARG A 298 13.72 13.12 -0.95
N ILE A 299 12.52 12.58 -1.18
CA ILE A 299 12.27 11.85 -2.41
C ILE A 299 12.35 12.80 -3.61
N GLU A 300 11.90 14.05 -3.41
CA GLU A 300 11.97 15.04 -4.48
C GLU A 300 13.42 15.36 -4.83
N TYR A 301 14.29 15.45 -3.83
CA TYR A 301 15.68 15.82 -4.10
C TYR A 301 16.42 14.73 -4.86
N CYS A 302 16.13 13.46 -4.55
CA CYS A 302 16.74 12.37 -5.32
C CYS A 302 16.29 12.41 -6.78
N THR A 303 15.04 12.82 -7.02
CA THR A 303 14.59 13.05 -8.39
C THR A 303 15.38 14.18 -9.04
N GLN A 304 15.79 15.18 -8.25
CA GLN A 304 16.62 16.28 -8.73
C GLN A 304 18.11 15.94 -8.73
N ASP A 305 18.48 14.68 -8.62
CA ASP A 305 19.88 14.27 -8.57
C ASP A 305 20.20 13.40 -9.78
N PRO A 306 20.97 13.88 -10.75
CA PRO A 306 21.31 13.04 -11.90
C PRO A 306 22.13 11.81 -11.52
N ASP A 307 22.99 11.91 -10.50
CA ASP A 307 23.75 10.74 -10.06
C ASP A 307 22.85 9.64 -9.50
N VAL A 308 21.61 9.96 -9.17
CA VAL A 308 20.67 8.97 -8.67
C VAL A 308 19.85 8.36 -9.80
N ILE A 309 19.24 9.21 -10.63
CA ILE A 309 18.34 8.72 -11.67
C ILE A 309 19.07 8.11 -12.86
N ASN A 310 20.36 8.40 -13.02
CA ASN A 310 21.16 7.77 -14.08
C ASN A 310 21.76 6.45 -13.64
N THR A 311 21.50 6.02 -12.40
CA THR A 311 22.01 4.74 -11.93
C THR A 311 21.25 3.60 -12.60
N ALA A 312 22.00 2.56 -12.99
CA ALA A 312 21.45 1.44 -13.74
C ALA A 312 20.87 0.41 -12.79
N LEU A 313 19.64 -0.03 -13.09
CA LEU A 313 19.06 -1.15 -12.37
C LEU A 313 19.77 -2.44 -12.73
N PRO A 314 19.90 -3.37 -11.79
CA PRO A 314 20.54 -4.66 -12.09
C PRO A 314 19.61 -5.55 -12.89
N ILE A 315 20.12 -6.71 -13.29
CA ILE A 315 19.35 -7.69 -14.04
C ILE A 315 19.53 -9.07 -13.44
C5 J3Y B . -5.67 -8.06 -6.90
C6 J3Y B . -4.98 -8.77 -7.87
C7 J3Y B . -4.88 -8.26 -9.15
C8 J3Y B . -5.48 -7.02 -9.42
C10 J3Y B . -6.30 -5.08 -10.23
C13 J3Y B . -7.91 -4.35 -6.98
C15 J3Y B . -9.30 -2.87 -5.38
C21 J3Y B . -5.00 -6.48 -11.95
C24 J3Y B . -4.75 -6.41 -14.38
C28 J3Y B . -6.64 -5.15 -13.32
C1 J3Y B . -6.78 -8.77 -3.39
C12 J3Y B . -7.39 -4.22 -8.22
C14 J3Y B . -8.57 -3.16 -6.66
C19 J3Y B . -6.16 -6.35 -8.39
C2 J3Y B . -6.55 -7.85 -4.58
C25 J3Y B . -5.76 -6.92 -15.41
C27 J3Y B . -7.56 -5.75 -14.38
C29 J3Y B . -5.82 -6.60 -4.13
C30 J3Y B . -6.54 -5.57 -3.57
C31 J3Y B . -5.88 -4.43 -3.16
C32 J3Y B . -4.49 -4.37 -3.33
C34 J3Y B . -3.84 -5.44 -3.90
C9 J3Y B . -5.60 -6.17 -10.62
F33 J3Y B . -3.81 -3.27 -2.95
N11 J3Y B . -6.65 -5.18 -8.93
N16 J3Y B . -8.45 -2.34 -7.68
N17 J3Y B . -7.70 -2.98 -8.68
N20 J3Y B . -6.23 -6.89 -7.17
N23 J3Y B . -5.46 -6.02 -13.14
N35 J3Y B . -4.51 -6.51 -4.27
N4 J3Y B . -5.77 -8.56 -5.60
O22 J3Y B . -4.02 -7.20 -11.97
O26 J3Y B . -6.80 -5.96 -15.58
#